data_6UFK
#
_entry.id   6UFK
#
_cell.length_a   90.346
_cell.length_b   90.346
_cell.length_c   121.732
_cell.angle_alpha   90.000
_cell.angle_beta   90.000
_cell.angle_gamma   90.000
#
_symmetry.space_group_name_H-M   'P 42 21 2'
#
loop_
_entity.id
_entity.type
_entity.pdbx_description
1 polymer 'RNA (50-MER)'
2 polymer "RNA (5'-R(*UP*CP*UP*GP*CP*UP*CP*UP*CP*(23G))-3')"
3 polymer "RNA (5'-R(*UP*CP*CP*AP*G)-3')"
4 non-polymer 'MANGANESE (II) ION'
#
loop_
_entity_poly.entity_id
_entity_poly.type
_entity_poly.pdbx_seq_one_letter_code
_entity_poly.pdbx_strand_id
1 'polyribonucleotide' ACUCGUUUGAGCGAGUAUAAACAGCUGGUUAAGCUCAAAGCGGAGAGCAGA A,C
2 'polyribonucleotide' UCUGCUCUC(23G) B,D
3 'polyribonucleotide' UCCAG E,F
#
loop_
_chem_comp.id
_chem_comp.type
_chem_comp.name
_chem_comp.formula
23G RNA OH 3 prime terminus 'GUANOSINE-5'-PHOSPHATE-2',3'-CYCLIC PHOSPHATE' 'C10 H13 N5 O10 P2'
A RNA linking ADENOSINE-5'-MONOPHOSPHATE 'C10 H14 N5 O7 P'
C RNA linking CYTIDINE-5'-MONOPHOSPHATE 'C9 H14 N3 O8 P'
G RNA linking GUANOSINE-5'-MONOPHOSPHATE 'C10 H14 N5 O8 P'
MN non-polymer 'MANGANESE (II) ION' 'Mn 2'
U RNA linking URIDINE-5'-MONOPHOSPHATE 'C9 H13 N2 O9 P'
#
# COMPACT_ATOMS: atom_id res chain seq x y z
P 23G B 10 34.56 -5.99 -8.74
N1 23G B 10 35.81 -6.92 -0.89
C2 23G B 10 34.67 -7.79 -0.74
N2 23G B 10 34.36 -8.33 0.58
N3 23G B 10 33.81 -8.11 -1.89
C4 23G B 10 34.13 -7.55 -3.23
C5 23G B 10 35.22 -6.73 -3.40
C6 23G B 10 36.13 -6.37 -2.18
O6 23G B 10 37.06 -5.66 -2.31
N7 23G B 10 35.28 -6.36 -4.69
C8 23G B 10 34.24 -6.95 -5.34
N9 23G B 10 33.55 -7.69 -4.44
PC 23G B 10 29.13 -6.56 -4.58
C1' 23G B 10 32.34 -8.42 -4.80
C2' 23G B 10 31.24 -7.40 -4.46
O2' 23G B 10 30.10 -7.85 -4.19
C3' 23G B 10 31.03 -6.52 -5.82
O3' 23G B 10 29.57 -6.13 -5.80
C4' 23G B 10 31.36 -7.34 -6.80
O4' 23G B 10 32.26 -8.58 -6.14
C5' 23G B 10 32.11 -6.56 -7.87
O5' 23G B 10 33.42 -7.04 -8.13
OC1 23G B 10 27.54 -7.08 -4.62
OC2 23G B 10 29.29 -5.45 -3.63
OP1 23G B 10 33.97 -5.19 -9.88
OP2 23G B 10 35.10 -5.11 -7.63
P 23G E 10 -33.18 3.47 4.20
N1 23G E 10 -29.63 10.13 8.27
C2 23G E 10 -28.63 10.31 7.25
N2 23G E 10 -27.58 11.32 7.43
N3 23G E 10 -28.64 9.50 6.00
C4 23G E 10 -29.70 8.46 5.82
C5 23G E 10 -30.65 8.30 6.79
C6 23G E 10 -30.64 9.14 8.07
O6 23G E 10 -31.47 8.96 8.88
N7 23G E 10 -31.49 7.34 6.39
C8 23G E 10 -31.08 6.89 5.18
N9 23G E 10 -29.99 7.61 4.83
PC 23G E 10 -26.49 4.87 4.20
C1' 23G E 10 -29.29 7.29 3.58
C2' 23G E 10 -28.19 6.38 4.15
O2' 23G E 10 -27.10 6.28 3.54
C3' 23G E 10 -28.76 4.87 4.12
O3' 23G E 10 -27.52 4.02 3.97
C4' 23G E 10 -29.56 4.89 3.08
O4' 23G E 10 -30.06 6.47 2.83
C5' 23G E 10 -30.73 3.95 3.24
O5' 23G E 10 -31.87 4.46 3.95
OC1 23G E 10 -25.06 4.51 3.40
OC2 23G E 10 -26.29 4.97 5.65
OP1 23G E 10 -32.93 2.10 3.64
OP2 23G E 10 -33.61 3.45 5.66
MN MN G . 24.64 -7.88 -3.57
MN MN H . 28.06 -1.64 -3.73
MN MN I . 15.45 0.35 3.28
MN MN J . 2.86 -0.71 2.44
MN MN K . 9.61 -12.59 -7.05
MN MN L . 6.91 -9.75 -11.61
MN MN M . 15.85 -10.23 -13.68
MN MN N . 33.17 -12.87 4.42
MN MN O . 16.79 -5.48 9.60
MN MN P . 18.65 -0.45 -19.07
MN MN Q . -22.37 5.34 2.29
MN MN R . -25.01 1.24 7.94
MN MN S . -26.82 15.74 8.74
MN MN T . -10.87 8.88 11.61
MN MN U . -10.57 0.73 10.28
MN MN V . -11.42 1.16 -7.40
MN MN W . -17.40 -0.07 -9.09
MN MN X . -21.11 8.61 -11.13
MN MN Y . -15.61 3.57 8.24
MN MN Z . -38.96 30.21 -0.02
MN MN AA . -33.14 5.26 8.66
MN MN BA . -25.85 -9.67 -3.65
#